data_5CI9
#
_entry.id   5CI9
#
_cell.length_a   65.119
_cell.length_b   65.119
_cell.length_c   162.945
_cell.angle_alpha   90.00
_cell.angle_beta   90.00
_cell.angle_gamma   120.00
#
_symmetry.space_group_name_H-M   'P 61 2 2'
#
loop_
_entity.id
_entity.type
_entity.pdbx_description
1 polymer 'Protein Tob1'
2 non-polymer '1-(propan-2-yl)-1H-benzimidazole-5-carboxylic acid'
3 non-polymer 'SODIUM ION'
4 water water
#
_entity_poly.entity_id   1
_entity_poly.type   'polypeptide(L)'
_entity_poly.pdbx_seq_one_letter_code
;HMQLEIQVALNFIISYLYNKLPRRRVNIFGEELERLLKKKYEGHWYPEKPYKGSGFRCIHIGEKVDPVIEQASKESGLDI
DDVRGNLPQDLSVWIDPFEVSYQIGEKGPVKVLYVDDNNENGCELDKEIKNSFNPEAQVFMPISDPASSVSSSPSPPFGH
SAAVSPTFMPRSTQPLTFTTATFAATKFGSTKMKNSGRSNKVARTSPINLGLNVNDLLKQKAISSSMHSLYGLGLGSQQQ
PQQQQQPAQPPPPPPPPQQQQQQKTSALSPNAKEFIFPNMQGQGSSTNGMFPGDSPLNLSPLQYSNAFDVFAAYGGLNEK
SFVDGLNFSLNNMQYSNQQFQPVMAN
;
_entity_poly.pdbx_strand_id   A
#
# COMPACT_ATOMS: atom_id res chain seq x y z
N HIS A 1 -5.75 -0.44 -15.02
CA HIS A 1 -4.65 0.50 -15.23
C HIS A 1 -4.05 0.93 -13.88
N MET A 2 -4.46 2.11 -13.41
CA MET A 2 -4.26 2.50 -12.03
C MET A 2 -4.90 1.48 -11.10
N GLN A 3 -6.05 0.98 -11.52
CA GLN A 3 -6.82 0.04 -10.71
C GLN A 3 -6.06 -1.27 -10.55
N LEU A 4 -5.60 -1.82 -11.67
CA LEU A 4 -4.81 -3.04 -11.66
C LEU A 4 -3.60 -2.91 -10.72
N GLU A 5 -2.87 -1.80 -10.86
CA GLU A 5 -1.66 -1.64 -10.06
C GLU A 5 -1.95 -1.49 -8.59
N ILE A 6 -3.08 -0.86 -8.26
CA ILE A 6 -3.46 -0.76 -6.86
C ILE A 6 -3.67 -2.18 -6.33
N GLN A 7 -4.34 -3.01 -7.12
CA GLN A 7 -4.55 -4.41 -6.72
C GLN A 7 -3.24 -5.15 -6.44
N VAL A 8 -2.24 -5.06 -7.32
CA VAL A 8 -1.00 -5.79 -7.06
C VAL A 8 -0.39 -5.26 -5.77
N ALA A 9 -0.46 -3.95 -5.54
CA ALA A 9 0.09 -3.39 -4.31
C ALA A 9 -0.67 -3.89 -3.08
N LEU A 10 -2.01 -3.92 -3.18
CA LEU A 10 -2.88 -4.39 -2.10
C LEU A 10 -2.57 -5.83 -1.73
N ASN A 11 -2.57 -6.67 -2.76
CA ASN A 11 -2.29 -8.09 -2.64
C ASN A 11 -0.99 -8.28 -1.87
N PHE A 12 0.02 -7.53 -2.28
CA PHE A 12 1.31 -7.60 -1.61
C PHE A 12 1.20 -7.27 -0.11
N ILE A 13 0.51 -6.17 0.20
CA ILE A 13 0.48 -5.71 1.58
C ILE A 13 -0.31 -6.63 2.53
N ILE A 14 -1.45 -7.14 2.08
CA ILE A 14 -2.27 -7.95 2.99
C ILE A 14 -1.76 -9.39 3.10
N SER A 15 -0.92 -9.82 2.16
CA SER A 15 -0.27 -11.12 2.27
C SER A 15 0.52 -11.22 3.58
N TYR A 16 0.81 -10.06 4.18
CA TYR A 16 1.48 -10.04 5.47
C TYR A 16 0.48 -10.14 6.62
N LEU A 17 -0.80 -9.92 6.34
CA LEU A 17 -1.79 -9.87 7.41
C LEU A 17 -2.49 -11.21 7.59
N TYR A 18 -2.67 -11.93 6.49
CA TYR A 18 -3.36 -13.19 6.54
C TYR A 18 -2.60 -14.13 7.44
N ASN A 19 -3.32 -15.03 8.06
CA ASN A 19 -2.70 -16.05 8.89
C ASN A 19 -2.12 -15.47 10.18
N LYS A 20 -2.20 -14.16 10.36
CA LYS A 20 -1.94 -13.60 11.68
C LYS A 20 -3.06 -12.67 12.12
N LEU A 21 -3.83 -12.12 11.18
CA LEU A 21 -5.03 -11.39 11.57
C LEU A 21 -6.29 -12.08 11.03
N PRO A 22 -7.44 -11.80 11.66
CA PRO A 22 -8.69 -12.49 11.30
C PRO A 22 -8.94 -12.40 9.81
N ARG A 23 -9.20 -13.52 9.17
CA ARG A 23 -9.34 -13.55 7.71
C ARG A 23 -10.35 -12.50 7.19
N ARG A 24 -11.57 -12.54 7.71
CA ARG A 24 -12.63 -11.65 7.23
C ARG A 24 -12.30 -10.18 7.40
N ARG A 25 -11.74 -9.80 8.54
CA ARG A 25 -11.44 -8.39 8.73
C ARG A 25 -10.23 -7.95 7.87
N VAL A 26 -9.35 -8.88 7.52
CA VAL A 26 -8.26 -8.55 6.60
C VAL A 26 -8.82 -8.25 5.21
N ASN A 27 -9.80 -9.03 4.78
CA ASN A 27 -10.45 -8.78 3.50
C ASN A 27 -11.04 -7.38 3.47
N ILE A 28 -11.75 -7.03 4.53
CA ILE A 28 -12.34 -5.72 4.64
C ILE A 28 -11.24 -4.68 4.63
N PHE A 29 -10.15 -4.98 5.31
CA PHE A 29 -8.98 -4.09 5.26
C PHE A 29 -8.56 -3.85 3.82
N GLY A 30 -8.47 -4.92 3.03
CA GLY A 30 -8.07 -4.82 1.64
C GLY A 30 -9.03 -3.96 0.86
N GLU A 31 -10.32 -4.18 1.10
CA GLU A 31 -11.38 -3.49 0.39
C GLU A 31 -11.33 -1.99 0.67
N GLU A 32 -11.13 -1.64 1.94
CA GLU A 32 -11.11 -0.22 2.31
C GLU A 32 -9.87 0.44 1.72
N LEU A 33 -8.76 -0.28 1.78
CA LEU A 33 -7.48 0.23 1.31
C LEU A 33 -7.56 0.56 -0.18
N GLU A 34 -8.19 -0.34 -0.93
CA GLU A 34 -8.37 -0.13 -2.35
C GLU A 34 -9.19 1.14 -2.60
N ARG A 35 -10.30 1.28 -1.89
CA ARG A 35 -11.15 2.46 -2.09
C ARG A 35 -10.41 3.75 -1.75
N LEU A 36 -9.68 3.74 -0.64
CA LEU A 36 -9.00 4.93 -0.17
C LEU A 36 -7.86 5.34 -1.10
N LEU A 37 -7.15 4.36 -1.63
CA LEU A 37 -6.06 4.62 -2.58
C LEU A 37 -6.58 5.22 -3.88
N LYS A 38 -7.67 4.65 -4.40
CA LYS A 38 -8.30 5.20 -5.59
C LYS A 38 -8.67 6.64 -5.35
N LYS A 39 -9.40 6.86 -4.26
CA LYS A 39 -9.84 8.18 -3.81
C LYS A 39 -8.68 9.16 -3.72
N LYS A 40 -7.59 8.74 -3.09
CA LYS A 40 -6.41 9.61 -2.98
C LYS A 40 -5.74 9.84 -4.33
N TYR A 41 -5.64 8.78 -5.13
CA TYR A 41 -4.87 8.81 -6.36
C TYR A 41 -5.58 9.55 -7.48
N GLU A 42 -6.88 9.76 -7.30
CA GLU A 42 -7.71 10.43 -8.29
C GLU A 42 -7.23 11.88 -8.47
N GLY A 43 -6.86 12.23 -9.70
CA GLY A 43 -6.34 13.56 -9.99
C GLY A 43 -4.83 13.60 -9.99
N HIS A 44 -4.21 12.53 -9.50
CA HIS A 44 -2.76 12.50 -9.37
C HIS A 44 -2.15 11.27 -10.02
N TRP A 45 -2.51 11.05 -11.29
CA TRP A 45 -2.09 9.87 -12.03
C TRP A 45 -1.80 10.27 -13.47
N TYR A 46 -0.53 10.47 -13.81
CA TYR A 46 -0.17 11.00 -15.12
C TYR A 46 0.68 10.02 -15.89
N PRO A 47 0.03 9.09 -16.62
CA PRO A 47 0.71 8.05 -17.41
C PRO A 47 1.83 8.59 -18.30
N GLU A 48 1.77 9.85 -18.72
CA GLU A 48 2.79 10.42 -19.60
C GLU A 48 3.95 11.03 -18.81
N LYS A 49 3.74 11.25 -17.51
CA LYS A 49 4.82 11.59 -16.59
C LYS A 49 4.69 10.69 -15.37
N PRO A 50 5.00 9.39 -15.54
CA PRO A 50 4.83 8.35 -14.51
C PRO A 50 5.36 8.78 -13.15
N TYR A 51 6.40 9.62 -13.16
CA TYR A 51 7.05 10.05 -11.93
C TYR A 51 6.41 11.29 -11.29
N LYS A 52 5.46 11.92 -11.99
CA LYS A 52 4.80 13.09 -11.41
C LYS A 52 3.84 12.66 -10.30
N GLY A 53 4.06 13.21 -9.11
CA GLY A 53 3.24 12.86 -7.95
C GLY A 53 3.55 11.51 -7.32
N SER A 54 4.67 10.90 -7.71
CA SER A 54 5.04 9.59 -7.17
C SER A 54 5.34 9.65 -5.68
N GLY A 55 6.01 10.73 -5.24
CA GLY A 55 6.29 10.92 -3.83
C GLY A 55 5.00 11.03 -3.05
N PHE A 56 3.95 11.48 -3.73
CA PHE A 56 2.63 11.67 -3.15
C PHE A 56 1.97 10.30 -2.97
N ARG A 57 2.05 9.49 -4.02
CA ARG A 57 1.37 8.21 -4.05
C ARG A 57 2.07 7.15 -3.20
N CYS A 58 3.30 7.45 -2.80
CA CYS A 58 4.10 6.51 -2.05
C CYS A 58 3.47 6.14 -0.71
N ILE A 59 3.21 4.85 -0.51
CA ILE A 59 2.72 4.32 0.75
C ILE A 59 3.89 3.95 1.66
N HIS A 60 4.06 4.71 2.73
CA HIS A 60 5.25 4.56 3.57
C HIS A 60 4.88 4.19 5.01
N ILE A 61 5.61 3.23 5.56
CA ILE A 61 5.45 2.86 6.97
C ILE A 61 6.78 2.88 7.68
N GLY A 62 7.26 4.08 8.02
CA GLY A 62 8.52 4.23 8.73
C GLY A 62 8.29 4.08 10.22
N GLU A 63 8.51 5.16 10.96
CA GLU A 63 8.06 5.19 12.34
C GLU A 63 6.71 5.90 12.34
N LYS A 64 6.40 6.48 11.18
CA LYS A 64 5.09 7.05 10.91
C LYS A 64 4.36 6.18 9.90
N VAL A 65 3.08 5.90 10.17
CA VAL A 65 2.29 5.07 9.28
C VAL A 65 1.46 5.93 8.33
N ASP A 66 1.49 5.61 7.04
CA ASP A 66 0.72 6.33 6.04
C ASP A 66 -0.74 6.38 6.47
N PRO A 67 -1.36 7.56 6.34
CA PRO A 67 -2.76 7.80 6.71
C PRO A 67 -3.73 6.80 6.08
N VAL A 68 -3.54 6.42 4.82
CA VAL A 68 -4.46 5.45 4.24
C VAL A 68 -4.42 4.09 4.95
N ILE A 69 -3.30 3.77 5.57
CA ILE A 69 -3.17 2.50 6.27
C ILE A 69 -3.88 2.60 7.60
N GLU A 70 -3.69 3.72 8.26
CA GLU A 70 -4.38 3.99 9.51
C GLU A 70 -5.89 3.94 9.28
N GLN A 71 -6.33 4.62 8.22
CA GLN A 71 -7.75 4.70 7.91
C GLN A 71 -8.31 3.30 7.65
N ALA A 72 -7.59 2.51 6.87
CA ALA A 72 -8.06 1.18 6.51
C ALA A 72 -8.08 0.25 7.73
N SER A 73 -7.21 0.52 8.70
CA SER A 73 -7.21 -0.26 9.93
C SER A 73 -8.45 0.10 10.74
N LYS A 74 -8.66 1.39 11.00
CA LYS A 74 -9.87 1.85 11.69
C LYS A 74 -11.12 1.24 11.07
N GLU A 75 -11.24 1.36 9.75
CA GLU A 75 -12.47 0.94 9.07
C GLU A 75 -12.63 -0.58 8.98
N SER A 76 -11.67 -1.34 9.51
CA SER A 76 -11.76 -2.79 9.48
C SER A 76 -11.70 -3.38 10.88
N GLY A 77 -11.86 -2.53 11.89
CA GLY A 77 -11.84 -2.97 13.27
C GLY A 77 -10.48 -3.49 13.76
N LEU A 78 -9.44 -3.31 12.94
CA LEU A 78 -8.10 -3.81 13.24
C LEU A 78 -7.24 -2.81 14.00
N ASP A 79 -6.70 -3.24 15.13
CA ASP A 79 -5.71 -2.50 15.89
C ASP A 79 -4.58 -2.07 14.97
N ILE A 80 -4.31 -0.77 14.90
CA ILE A 80 -3.27 -0.26 14.01
C ILE A 80 -1.88 -0.85 14.31
N ASP A 81 -1.63 -1.18 15.57
CA ASP A 81 -0.37 -1.78 15.98
C ASP A 81 -0.25 -3.25 15.58
N ASP A 82 -1.38 -3.93 15.46
CA ASP A 82 -1.34 -5.32 15.03
C ASP A 82 -1.03 -5.34 13.54
N VAL A 83 -1.55 -4.36 12.82
CA VAL A 83 -1.27 -4.22 11.40
C VAL A 83 0.22 -3.87 11.15
N ARG A 84 0.71 -2.81 11.80
CA ARG A 84 2.13 -2.49 11.75
C ARG A 84 3.00 -3.71 12.07
N GLY A 85 2.72 -4.32 13.21
CA GLY A 85 3.55 -5.41 13.72
C GLY A 85 3.71 -6.56 12.75
N ASN A 86 2.79 -6.68 11.80
CA ASN A 86 2.80 -7.80 10.87
C ASN A 86 3.33 -7.45 9.50
N LEU A 87 3.50 -6.16 9.24
CA LEU A 87 4.13 -5.70 8.00
C LEU A 87 5.60 -5.40 8.25
N PRO A 88 6.43 -5.53 7.20
CA PRO A 88 7.85 -5.23 7.33
C PRO A 88 8.09 -3.83 7.91
N GLN A 89 9.09 -3.68 8.76
CA GLN A 89 9.49 -2.35 9.21
C GLN A 89 10.12 -1.55 8.05
N ASP A 90 10.02 -0.22 8.14
CA ASP A 90 10.47 0.69 7.09
C ASP A 90 10.11 0.20 5.70
N LEU A 91 8.81 0.06 5.46
CA LEU A 91 8.31 -0.37 4.16
C LEU A 91 7.89 0.84 3.33
N SER A 92 8.33 0.88 2.07
CA SER A 92 7.82 1.86 1.10
C SER A 92 7.26 1.13 -0.11
N VAL A 93 6.09 1.56 -0.57
CA VAL A 93 5.49 0.98 -1.76
C VAL A 93 5.20 2.09 -2.77
N TRP A 94 5.83 2.01 -3.94
CA TRP A 94 5.65 3.01 -4.98
C TRP A 94 4.71 2.46 -6.02
N ILE A 95 3.60 3.16 -6.23
CA ILE A 95 2.63 2.79 -7.24
C ILE A 95 2.60 3.89 -8.29
N ASP A 96 3.19 3.58 -9.43
CA ASP A 96 3.39 4.54 -10.49
C ASP A 96 2.86 3.98 -11.79
N PRO A 97 2.38 4.83 -12.69
CA PRO A 97 2.05 4.33 -14.02
C PRO A 97 3.14 3.39 -14.55
N PHE A 98 2.76 2.14 -14.82
CA PHE A 98 3.63 1.15 -15.48
C PHE A 98 4.46 0.34 -14.50
N GLU A 99 4.52 0.78 -13.25
CA GLU A 99 5.35 0.04 -12.30
C GLU A 99 4.96 0.19 -10.84
N VAL A 100 4.91 -0.94 -10.16
CA VAL A 100 4.76 -0.94 -8.71
C VAL A 100 5.97 -1.67 -8.13
N SER A 101 6.56 -1.08 -7.10
CA SER A 101 7.78 -1.58 -6.51
C SER A 101 7.80 -1.17 -5.05
N TYR A 102 8.72 -1.73 -4.29
CA TYR A 102 8.75 -1.50 -2.85
C TYR A 102 10.13 -1.65 -2.30
N GLN A 103 10.37 -1.04 -1.15
CA GLN A 103 11.61 -1.22 -0.42
C GLN A 103 11.30 -1.65 1.02
N ILE A 104 12.18 -2.48 1.57
CA ILE A 104 12.07 -2.90 2.95
C ILE A 104 13.36 -2.56 3.69
N GLY A 105 13.25 -1.64 4.64
CA GLY A 105 14.40 -1.23 5.41
C GLY A 105 14.97 0.00 4.76
N GLU A 106 15.53 0.90 5.56
CA GLU A 106 16.07 2.15 5.03
C GLU A 106 17.24 1.93 4.07
N LYS A 107 17.96 0.82 4.23
CA LYS A 107 19.05 0.51 3.31
C LYS A 107 18.76 -0.73 2.47
N GLY A 108 17.47 -1.00 2.24
CA GLY A 108 17.07 -2.11 1.38
C GLY A 108 17.08 -1.73 -0.10
N PRO A 109 17.19 -2.71 -0.99
CA PRO A 109 17.11 -2.33 -2.40
C PRO A 109 15.65 -2.18 -2.79
N VAL A 110 15.39 -1.60 -3.95
CA VAL A 110 14.04 -1.54 -4.43
C VAL A 110 13.77 -2.80 -5.24
N LYS A 111 12.70 -3.49 -4.86
CA LYS A 111 12.23 -4.69 -5.54
C LYS A 111 10.93 -4.41 -6.31
N VAL A 112 10.87 -4.90 -7.53
CA VAL A 112 9.73 -4.65 -8.42
C VAL A 112 8.66 -5.75 -8.38
N LEU A 113 7.42 -5.35 -8.13
CA LEU A 113 6.29 -6.30 -8.08
C LEU A 113 5.64 -6.44 -9.45
N TYR A 114 5.58 -5.32 -10.15
CA TYR A 114 4.91 -5.27 -11.45
C TYR A 114 5.55 -4.18 -12.31
N VAL A 115 5.75 -4.49 -13.59
CA VAL A 115 6.22 -3.47 -14.55
C VAL A 115 5.72 -3.79 -15.96
N ASP A 116 5.29 -2.75 -16.68
CA ASP A 116 4.82 -2.88 -18.06
C ASP A 116 4.85 -1.56 -18.84
#